data_6G82
#
_entry.id   6G82
#
_cell.length_a   98.135
_cell.length_b   98.135
_cell.length_c   139.189
_cell.angle_alpha   90.00
_cell.angle_beta   90.00
_cell.angle_gamma   90.00
#
_symmetry.space_group_name_H-M   'P 43 21 2'
#
loop_
_entity.id
_entity.type
_entity.pdbx_description
1 polymer 'Serum paraoxonase-1 by directed evolution with the L69S/H115W/F222S mutations'
2 non-polymer 'CALCIUM ION'
3 water water
#
_entity_poly.entity_id   1
_entity_poly.type   'polypeptide(L)'
_entity_poly.pdbx_seq_one_letter_code
;MAKLTALTLLGMGLALFDRQKSSFQTRFNVHREVTPVELPNCNLVKGIDNGSEDLEILPNGLAFISSGSKYPGIMSFDPD
KSGKILLMDLNEKEPAVSELEIIGNTLDISSFNPWGISTFIDDDNTVYLLVVNHPGSSSTVEVFKFQEEEKSLLHLKTIR
HKLLPSVNDIVAVGPEHFYATNDHYFIDPYLKSWEMHLGLAWSFVTYYSPNDVRVVAEGFDSANGINISPDGKYVYIAEL
LAHKIHVYEKHANWTLTPLRVLSFDTLVDNISVDPVTGDLWVGCHPNGMRIFFYDAENPPGSEVLRIQDILSEEPKVTVV
YAENGTVLQGSTVAAVYKGKLLIGTVFHKALYCDL
;
_entity_poly.pdbx_strand_id   A
#
loop_
_chem_comp.id
_chem_comp.type
_chem_comp.name
_chem_comp.formula
CA non-polymer 'CALCIUM ION' 'Ca 2'
#
# COMPACT_ATOMS: atom_id res chain seq x y z
N ASP A 18 -32.94 -1.02 4.83
CA ASP A 18 -32.77 0.35 5.25
C ASP A 18 -31.82 1.09 4.30
N ARG A 19 -31.39 2.30 4.71
CA ARG A 19 -30.44 3.07 3.89
C ARG A 19 -29.03 2.50 4.00
N GLN A 20 -28.70 1.89 5.14
CA GLN A 20 -27.41 1.21 5.33
C GLN A 20 -27.23 0.02 4.41
N LYS A 21 -28.29 -0.40 3.70
CA LYS A 21 -28.14 -1.47 2.72
C LYS A 21 -27.62 -0.93 1.40
N SER A 22 -28.11 0.24 0.98
CA SER A 22 -27.62 0.82 -0.26
C SER A 22 -26.22 1.39 -0.08
N SER A 23 -25.94 1.95 1.11
CA SER A 23 -24.61 2.50 1.35
C SER A 23 -23.55 1.42 1.36
N PHE A 24 -23.82 0.28 2.03
CA PHE A 24 -22.91 -0.86 1.94
C PHE A 24 -22.68 -1.24 0.48
N GLN A 25 -23.70 -1.11 -0.34
CA GLN A 25 -23.60 -1.60 -1.71
C GLN A 25 -22.82 -0.65 -2.60
N THR A 26 -22.93 0.66 -2.38
CA THR A 26 -22.02 1.57 -3.06
C THR A 26 -20.58 1.37 -2.55
N ARG A 27 -20.40 1.35 -1.22
CA ARG A 27 -19.07 1.23 -0.63
C ARG A 27 -18.32 0.03 -1.20
N PHE A 28 -19.00 -1.11 -1.31
CA PHE A 28 -18.34 -2.33 -1.76
C PHE A 28 -18.47 -2.58 -3.27
N ASN A 29 -19.04 -1.65 -4.03
CA ASN A 29 -19.08 -1.75 -5.49
C ASN A 29 -19.60 -3.12 -5.93
N VAL A 30 -20.82 -3.44 -5.48
CA VAL A 30 -21.25 -4.84 -5.43
C VAL A 30 -21.52 -5.39 -6.84
N HIS A 31 -21.89 -4.54 -7.79
CA HIS A 31 -22.19 -4.98 -9.14
C HIS A 31 -21.24 -4.40 -10.19
N ARG A 32 -20.21 -3.67 -9.79
CA ARG A 32 -19.28 -3.14 -10.77
C ARG A 32 -18.52 -4.27 -11.44
N GLU A 33 -18.38 -4.17 -12.76
CA GLU A 33 -17.51 -5.03 -13.54
C GLU A 33 -16.47 -4.14 -14.21
N VAL A 34 -15.28 -4.66 -14.36
CA VAL A 34 -14.20 -3.83 -14.85
C VAL A 34 -14.23 -3.78 -16.38
N THR A 35 -13.86 -2.62 -16.92
CA THR A 35 -13.65 -2.46 -18.35
C THR A 35 -12.18 -2.74 -18.65
N PRO A 36 -11.85 -3.83 -19.32
CA PRO A 36 -10.42 -4.17 -19.47
C PRO A 36 -9.65 -3.10 -20.22
N VAL A 37 -8.39 -2.93 -19.83
CA VAL A 37 -7.40 -2.13 -20.52
C VAL A 37 -6.15 -2.98 -20.57
N GLU A 38 -5.66 -3.24 -21.77
CA GLU A 38 -4.63 -4.22 -22.00
C GLU A 38 -3.28 -3.54 -22.26
N LEU A 39 -2.22 -4.29 -21.93
CA LEU A 39 -0.85 -3.89 -22.13
C LEU A 39 -0.23 -5.07 -22.88
N PRO A 40 0.51 -4.84 -23.97
CA PRO A 40 0.79 -5.94 -24.90
C PRO A 40 1.87 -6.91 -24.44
N ASN A 41 2.73 -6.55 -23.48
CA ASN A 41 3.84 -7.42 -23.04
C ASN A 41 3.88 -7.46 -21.50
N CYS A 42 2.92 -8.16 -20.90
CA CYS A 42 2.89 -8.37 -19.45
C CYS A 42 3.33 -9.79 -19.13
N ASN A 43 4.16 -9.95 -18.11
CA ASN A 43 4.57 -11.27 -17.69
C ASN A 43 4.43 -11.44 -16.19
N LEU A 44 3.88 -12.59 -15.78
CA LEU A 44 3.81 -12.93 -14.37
C LEU A 44 5.21 -13.10 -13.79
N VAL A 45 5.42 -12.59 -12.58
CA VAL A 45 6.74 -12.68 -11.95
C VAL A 45 6.90 -14.07 -11.35
N LYS A 46 7.90 -14.81 -11.83
CA LYS A 46 8.12 -16.16 -11.32
C LYS A 46 8.54 -16.10 -9.86
N GLY A 47 7.85 -16.86 -9.01
CA GLY A 47 8.17 -16.96 -7.61
C GLY A 47 7.20 -16.25 -6.69
N ILE A 48 6.25 -15.50 -7.24
CA ILE A 48 5.30 -14.74 -6.43
C ILE A 48 3.95 -15.41 -6.62
N ASP A 49 3.52 -16.18 -5.61
CA ASP A 49 2.25 -16.86 -5.68
C ASP A 49 1.39 -16.69 -4.44
N ASN A 50 1.89 -16.01 -3.42
CA ASN A 50 1.12 -15.81 -2.19
C ASN A 50 1.10 -14.34 -1.79
N GLY A 51 0.95 -13.47 -2.78
CA GLY A 51 0.70 -12.08 -2.51
C GLY A 51 1.93 -11.23 -2.72
N SER A 52 1.69 -9.97 -3.06
CA SER A 52 2.73 -8.98 -3.28
C SER A 52 2.10 -7.65 -2.90
N GLU A 53 1.59 -7.61 -1.66
CA GLU A 53 0.58 -6.62 -1.29
C GLU A 53 1.09 -5.19 -1.42
N ASP A 54 2.35 -4.95 -1.11
CA ASP A 54 2.92 -3.62 -1.23
C ASP A 54 4.31 -3.73 -1.81
N LEU A 55 4.74 -2.67 -2.48
CA LEU A 55 6.07 -2.70 -3.05
C LEU A 55 6.58 -1.28 -3.13
N GLU A 56 7.89 -1.14 -3.26
CA GLU A 56 8.45 0.18 -3.40
C GLU A 56 9.77 0.06 -4.14
N ILE A 57 9.96 0.94 -5.11
CA ILE A 57 11.11 0.93 -5.98
C ILE A 57 12.04 2.06 -5.56
N LEU A 58 13.30 1.72 -5.25
CA LEU A 58 14.29 2.75 -4.99
C LEU A 58 14.64 3.47 -6.30
N PRO A 59 15.20 4.68 -6.21
CA PRO A 59 15.71 5.33 -7.43
C PRO A 59 16.71 4.48 -8.22
N ASN A 60 17.50 3.64 -7.56
CA ASN A 60 18.45 2.84 -8.32
C ASN A 60 17.81 1.65 -9.02
N GLY A 61 16.49 1.47 -8.90
CA GLY A 61 15.83 0.36 -9.56
C GLY A 61 15.62 -0.89 -8.73
N LEU A 62 16.04 -0.89 -7.47
CA LEU A 62 15.74 -2.02 -6.60
C LEU A 62 14.33 -1.86 -6.05
N ALA A 63 13.57 -2.95 -6.07
CA ALA A 63 12.19 -2.96 -5.64
C ALA A 63 12.04 -3.95 -4.49
N PHE A 64 11.50 -3.47 -3.37
CA PHE A 64 11.11 -4.32 -2.26
C PHE A 64 9.65 -4.67 -2.38
N ILE A 65 9.30 -5.90 -1.99
CA ILE A 65 7.93 -6.39 -2.09
C ILE A 65 7.61 -7.15 -0.82
N SER A 66 6.54 -6.77 -0.14
CA SER A 66 6.05 -7.60 0.95
C SER A 66 5.17 -8.71 0.40
N SER A 67 5.23 -9.88 1.02
CA SER A 67 4.48 -11.01 0.50
C SER A 67 4.06 -11.92 1.63
N GLY A 68 3.24 -12.92 1.30
CA GLY A 68 2.65 -13.76 2.32
C GLY A 68 1.79 -13.01 3.30
N SER A 69 1.41 -11.77 2.98
CA SER A 69 0.47 -11.03 3.80
C SER A 69 -0.76 -11.90 4.08
N LYS A 70 -1.17 -11.91 5.35
CA LYS A 70 -2.35 -12.68 5.73
C LYS A 70 -3.19 -11.85 6.68
N TYR A 71 -4.51 -12.03 6.59
CA TYR A 71 -5.44 -11.36 7.50
C TYR A 71 -6.33 -12.38 8.20
N SER A 82 4.07 -18.43 4.97
CA SER A 82 5.06 -17.63 5.71
C SER A 82 5.41 -16.26 5.05
N GLY A 83 5.31 -15.18 5.84
CA GLY A 83 5.49 -13.85 5.30
C GLY A 83 6.95 -13.52 5.01
N LYS A 84 7.18 -12.70 3.99
CA LYS A 84 8.56 -12.35 3.66
C LYS A 84 8.62 -11.05 2.87
N ILE A 85 9.84 -10.53 2.77
CA ILE A 85 10.17 -9.39 1.93
C ILE A 85 11.00 -9.89 0.77
N LEU A 86 10.56 -9.57 -0.44
CA LEU A 86 11.25 -9.98 -1.66
C LEU A 86 11.98 -8.80 -2.28
N LEU A 87 12.97 -9.10 -3.11
CA LEU A 87 13.78 -8.10 -3.78
C LEU A 87 13.85 -8.44 -5.26
N MET A 88 13.71 -7.40 -6.10
CA MET A 88 13.80 -7.49 -7.54
C MET A 88 14.67 -6.35 -8.05
N ASP A 89 15.64 -6.65 -8.89
CA ASP A 89 16.47 -5.63 -9.53
C ASP A 89 15.86 -5.30 -10.87
N LEU A 90 15.10 -4.20 -10.94
CA LEU A 90 14.35 -3.92 -12.16
C LEU A 90 15.24 -3.41 -13.30
N ASN A 91 16.52 -3.17 -13.04
CA ASN A 91 17.47 -2.90 -14.12
C ASN A 91 17.80 -4.14 -14.93
N GLU A 92 17.39 -5.32 -14.50
CA GLU A 92 17.63 -6.55 -15.23
C GLU A 92 16.55 -6.76 -16.28
N LYS A 93 16.91 -7.48 -17.35
CA LYS A 93 15.98 -7.67 -18.46
C LYS A 93 14.83 -8.58 -18.04
N GLU A 94 15.14 -9.70 -17.41
CA GLU A 94 14.13 -10.58 -16.83
C GLU A 94 14.39 -10.67 -15.32
N PRO A 95 13.96 -9.67 -14.56
CA PRO A 95 14.30 -9.65 -13.14
C PRO A 95 13.67 -10.82 -12.39
N ALA A 96 14.50 -11.45 -11.55
CA ALA A 96 14.07 -12.54 -10.70
C ALA A 96 13.93 -12.05 -9.27
N VAL A 97 13.01 -12.66 -8.52
CA VAL A 97 12.81 -12.36 -7.10
C VAL A 97 13.79 -13.19 -6.27
N SER A 98 14.33 -12.58 -5.23
CA SER A 98 14.99 -13.31 -4.16
C SER A 98 14.34 -12.93 -2.84
N GLU A 99 14.34 -13.88 -1.91
CA GLU A 99 13.84 -13.61 -0.57
C GLU A 99 14.95 -12.96 0.26
N LEU A 100 14.63 -11.82 0.88
CA LEU A 100 15.61 -11.15 1.73
C LEU A 100 15.67 -11.83 3.09
N GLU A 101 16.87 -12.23 3.49
CA GLU A 101 17.04 -12.85 4.80
C GLU A 101 17.00 -11.79 5.88
N ILE A 102 16.22 -12.03 6.92
CA ILE A 102 16.15 -11.15 8.07
C ILE A 102 17.23 -11.51 9.07
N ILE A 103 18.12 -10.57 9.35
CA ILE A 103 19.22 -10.75 10.28
C ILE A 103 18.87 -10.01 11.56
N GLY A 104 19.13 -10.64 12.70
CA GLY A 104 18.97 -9.98 13.98
C GLY A 104 18.39 -10.89 15.04
N ASN A 105 18.46 -10.48 16.31
CA ASN A 105 17.83 -11.26 17.38
C ASN A 105 16.71 -10.51 18.08
N THR A 106 16.29 -9.36 17.56
CA THR A 106 15.25 -8.54 18.16
C THR A 106 13.87 -8.75 17.53
N LEU A 107 13.75 -9.62 16.54
CA LEU A 107 12.49 -9.87 15.83
C LEU A 107 12.20 -11.36 15.84
N ASP A 108 10.97 -11.72 16.17
CA ASP A 108 10.50 -13.09 16.01
C ASP A 108 10.04 -13.28 14.57
N ILE A 109 10.85 -13.96 13.77
CA ILE A 109 10.55 -14.17 12.36
C ILE A 109 9.32 -15.05 12.17
N SER A 110 9.06 -15.97 13.11
CA SER A 110 8.06 -17.00 12.85
C SER A 110 6.65 -16.45 12.77
N SER A 111 6.40 -15.28 13.32
CA SER A 111 5.09 -14.65 13.20
C SER A 111 5.07 -13.52 12.16
N PHE A 112 6.18 -13.31 11.45
CA PHE A 112 6.30 -12.17 10.53
C PHE A 112 5.19 -12.19 9.49
N ASN A 113 4.42 -11.11 9.42
CA ASN A 113 3.23 -11.03 8.58
C ASN A 113 3.19 -9.64 7.95
N PRO A 114 3.98 -9.42 6.90
CA PRO A 114 4.18 -8.04 6.42
C PRO A 114 3.00 -7.53 5.58
N TRP A 115 2.70 -6.24 5.74
CA TRP A 115 1.69 -5.60 4.93
C TRP A 115 2.30 -4.41 4.19
N GLY A 116 1.95 -3.17 4.54
CA GLY A 116 2.53 -2.02 3.86
C GLY A 116 3.99 -1.81 4.20
N ILE A 117 4.71 -1.20 3.26
CA ILE A 117 6.14 -0.92 3.42
C ILE A 117 6.42 0.51 2.98
N SER A 118 7.63 0.97 3.31
CA SER A 118 8.13 2.28 2.90
C SER A 118 9.64 2.24 3.08
N THR A 119 10.32 3.11 2.35
CA THR A 119 11.76 3.22 2.50
C THR A 119 12.13 4.65 2.85
N PHE A 120 13.30 4.81 3.45
CA PHE A 120 13.86 6.12 3.67
C PHE A 120 15.36 5.97 3.47
N ILE A 121 15.93 6.85 2.67
CA ILE A 121 17.36 6.85 2.38
C ILE A 121 17.98 8.03 3.10
N ASP A 122 18.93 7.75 3.99
CA ASP A 122 19.53 8.80 4.81
C ASP A 122 20.64 9.53 4.03
N ASP A 123 21.25 10.52 4.71
CA ASP A 123 22.38 11.26 4.14
C ASP A 123 23.55 10.33 3.81
N ASP A 124 23.94 9.47 4.75
CA ASP A 124 25.02 8.51 4.52
C ASP A 124 24.66 7.43 3.47
N ASN A 125 23.52 7.57 2.79
CA ASN A 125 22.99 6.63 1.80
C ASN A 125 22.50 5.32 2.40
N THR A 126 22.33 5.25 3.72
CA THR A 126 21.73 4.07 4.32
C THR A 126 20.26 3.96 3.91
N VAL A 127 19.84 2.75 3.55
CA VAL A 127 18.47 2.49 3.13
C VAL A 127 17.75 1.82 4.29
N TYR A 128 16.77 2.51 4.85
CA TYR A 128 15.88 1.92 5.82
C TYR A 128 14.61 1.42 5.15
N LEU A 129 14.19 0.24 5.56
CA LEU A 129 12.92 -0.34 5.15
C LEU A 129 12.02 -0.42 6.38
N LEU A 130 10.86 0.21 6.28
CA LEU A 130 9.84 0.12 7.30
C LEU A 130 8.73 -0.80 6.80
N VAL A 131 8.30 -1.73 7.65
CA VAL A 131 7.37 -2.79 7.28
C VAL A 131 6.26 -2.87 8.34
N VAL A 132 5.02 -2.68 7.90
CA VAL A 132 3.87 -2.98 8.73
C VAL A 132 3.82 -4.48 8.96
N ASN A 133 3.73 -4.87 10.22
CA ASN A 133 3.73 -6.27 10.62
C ASN A 133 2.48 -6.55 11.43
N HIS A 134 1.83 -7.69 11.17
CA HIS A 134 0.66 -8.10 11.96
C HIS A 134 0.92 -9.47 12.57
N PRO A 135 1.77 -9.56 13.60
CA PRO A 135 1.96 -10.83 14.30
C PRO A 135 0.78 -11.09 15.23
N GLY A 136 -0.03 -12.07 14.90
CA GLY A 136 -1.32 -12.20 15.57
C GLY A 136 -2.24 -11.06 15.21
N SER A 137 -3.04 -10.63 16.20
CA SER A 137 -4.04 -9.57 16.02
C SER A 137 -3.51 -8.17 16.34
N SER A 138 -2.25 -8.02 16.72
CA SER A 138 -1.66 -6.72 16.97
C SER A 138 -1.01 -6.14 15.72
N SER A 139 -0.70 -4.85 15.78
CA SER A 139 0.04 -4.13 14.75
C SER A 139 1.38 -3.65 15.28
N THR A 140 2.43 -3.79 14.47
CA THR A 140 3.70 -3.13 14.72
C THR A 140 4.19 -2.51 13.42
N VAL A 141 5.22 -1.68 13.54
CA VAL A 141 6.01 -1.25 12.39
C VAL A 141 7.44 -1.69 12.65
N GLU A 142 7.97 -2.55 11.77
CA GLU A 142 9.35 -3.02 11.90
C GLU A 142 10.30 -2.16 11.07
N VAL A 143 11.43 -1.80 11.65
CA VAL A 143 12.46 -1.00 11.00
C VAL A 143 13.63 -1.90 10.69
N PHE A 144 14.04 -1.93 9.41
CA PHE A 144 15.21 -2.68 8.99
C PHE A 144 16.22 -1.75 8.33
N LYS A 145 17.48 -2.14 8.37
CA LYS A 145 18.50 -1.52 7.52
C LYS A 145 18.77 -2.48 6.38
N PHE A 146 18.58 -1.99 5.16
CA PHE A 146 18.92 -2.78 3.99
C PHE A 146 20.44 -2.95 3.88
N GLN A 147 20.89 -4.20 3.78
CA GLN A 147 22.30 -4.50 3.54
C GLN A 147 22.40 -5.01 2.10
N GLU A 148 22.79 -4.11 1.18
CA GLU A 148 22.65 -4.40 -0.24
C GLU A 148 23.58 -5.52 -0.69
N GLU A 149 24.89 -5.36 -0.44
CA GLU A 149 25.86 -6.38 -0.85
C GLU A 149 25.43 -7.77 -0.40
N GLU A 150 24.94 -7.89 0.83
CA GLU A 150 24.52 -9.19 1.36
C GLU A 150 23.10 -9.55 0.96
N LYS A 151 22.34 -8.62 0.35
CA LYS A 151 20.92 -8.82 0.02
C LYS A 151 20.15 -9.35 1.23
N SER A 152 20.27 -8.65 2.36
CA SER A 152 19.59 -9.06 3.57
C SER A 152 19.06 -7.84 4.30
N LEU A 153 18.25 -8.09 5.33
CA LEU A 153 17.63 -7.04 6.14
C LEU A 153 18.10 -7.17 7.57
N LEU A 154 18.76 -6.14 8.07
CA LEU A 154 19.15 -6.07 9.47
C LEU A 154 18.00 -5.47 10.28
N HIS A 155 17.44 -6.24 11.21
CA HIS A 155 16.36 -5.71 12.03
C HIS A 155 16.91 -4.75 13.06
N LEU A 156 16.29 -3.58 13.17
CA LEU A 156 16.70 -2.57 14.13
C LEU A 156 15.70 -2.37 15.26
N LYS A 157 14.41 -2.37 14.98
CA LYS A 157 13.48 -1.92 16.01
C LYS A 157 12.07 -2.37 15.67
N THR A 158 11.31 -2.70 16.71
CA THR A 158 9.90 -2.98 16.65
C THR A 158 9.16 -1.81 17.27
N ILE A 159 8.30 -1.15 16.50
CA ILE A 159 7.56 0.01 16.99
C ILE A 159 6.11 -0.38 17.22
N ARG A 160 5.58 -0.02 18.39
CA ARG A 160 4.15 -0.18 18.62
C ARG A 160 3.68 0.94 19.53
N HIS A 161 2.38 1.18 19.50
CA HIS A 161 1.87 2.40 20.11
C HIS A 161 0.35 2.32 20.14
N LYS A 162 -0.24 2.95 21.16
CA LYS A 162 -1.69 3.01 21.28
C LYS A 162 -2.31 3.61 20.01
N LEU A 163 -1.67 4.61 19.43
CA LEU A 163 -2.18 5.31 18.26
C LEU A 163 -1.83 4.57 16.95
N LEU A 164 -1.29 3.36 17.04
CA LEU A 164 -1.09 2.49 15.87
C LEU A 164 -1.84 1.18 16.05
N PRO A 165 -3.16 1.23 16.29
CA PRO A 165 -3.89 -0.02 16.61
C PRO A 165 -4.02 -0.99 15.45
N SER A 166 -4.16 -0.50 14.22
CA SER A 166 -4.55 -1.34 13.10
C SER A 166 -3.89 -0.80 11.82
N VAL A 167 -2.59 -0.95 11.72
CA VAL A 167 -1.83 -0.26 10.68
C VAL A 167 -1.98 -0.99 9.36
N ASN A 168 -2.21 -0.22 8.31
CA ASN A 168 -2.24 -0.72 6.95
C ASN A 168 -0.97 -0.38 6.17
N ASP A 169 -0.60 0.90 6.13
CA ASP A 169 0.59 1.31 5.40
C ASP A 169 1.23 2.48 6.14
N ILE A 170 2.48 2.78 5.79
CA ILE A 170 3.15 3.97 6.30
C ILE A 170 3.92 4.61 5.14
N VAL A 171 4.21 5.89 5.29
CA VAL A 171 5.18 6.54 4.41
C VAL A 171 6.27 7.12 5.31
N ALA A 172 7.51 6.70 5.08
CA ALA A 172 8.61 7.04 5.98
C ALA A 172 9.10 8.45 5.66
N VAL A 173 9.31 9.25 6.70
CA VAL A 173 9.94 10.54 6.53
C VAL A 173 11.24 10.62 7.30
N GLY A 174 11.72 9.49 7.81
CA GLY A 174 12.97 9.40 8.52
C GLY A 174 13.18 7.96 8.88
N PRO A 175 14.29 7.65 9.55
CA PRO A 175 14.60 6.23 9.86
C PRO A 175 13.59 5.58 10.78
N GLU A 176 12.91 6.35 11.61
CA GLU A 176 11.88 5.81 12.49
C GLU A 176 10.84 6.90 12.69
N HIS A 177 10.46 7.54 11.58
CA HIS A 177 9.51 8.62 11.55
C HIS A 177 8.59 8.37 10.36
N PHE A 178 7.28 8.41 10.58
CA PHE A 178 6.38 8.06 9.49
C PHE A 178 4.96 8.53 9.78
N TYR A 179 4.18 8.67 8.71
CA TYR A 179 2.73 8.73 8.80
C TYR A 179 2.17 7.34 8.52
N ALA A 180 1.18 6.92 9.30
CA ALA A 180 0.65 5.57 9.25
C ALA A 180 -0.87 5.61 9.11
N THR A 181 -1.42 4.78 8.23
CA THR A 181 -2.86 4.62 8.18
C THR A 181 -3.29 3.50 9.12
N ASN A 182 -4.36 3.75 9.85
CA ASN A 182 -5.05 2.69 10.58
C ASN A 182 -6.36 2.45 9.86
N ASP A 183 -6.54 1.24 9.33
CA ASP A 183 -7.75 0.98 8.54
C ASP A 183 -8.95 0.62 9.40
N HIS A 184 -8.77 0.48 10.71
CA HIS A 184 -9.85 0.26 11.67
C HIS A 184 -9.54 1.04 12.94
N TYR A 185 -10.59 1.35 13.69
CA TYR A 185 -10.39 1.89 15.04
C TYR A 185 -10.12 0.77 16.04
N PHE A 186 -10.86 -0.33 15.97
CA PHE A 186 -10.74 -1.41 16.94
C PHE A 186 -9.67 -2.41 16.54
N ILE A 187 -9.12 -3.09 17.55
CA ILE A 187 -8.14 -4.14 17.32
C ILE A 187 -8.79 -5.50 17.25
N ASP A 188 -9.83 -5.70 18.06
CA ASP A 188 -10.48 -6.99 18.15
C ASP A 188 -11.05 -7.39 16.80
N PRO A 189 -10.67 -8.54 16.25
CA PRO A 189 -11.14 -8.91 14.91
C PRO A 189 -12.65 -8.95 14.80
N TYR A 190 -13.36 -9.29 15.87
CA TYR A 190 -14.81 -9.34 15.76
C TYR A 190 -15.40 -7.92 15.73
N LEU A 191 -14.91 -7.05 16.61
CA LEU A 191 -15.39 -5.67 16.62
C LEU A 191 -15.07 -4.96 15.32
N LYS A 192 -13.87 -5.16 14.78
CA LYS A 192 -13.50 -4.41 13.59
C LYS A 192 -14.23 -4.93 12.36
N SER A 193 -14.56 -6.22 12.33
CA SER A 193 -15.47 -6.71 11.30
C SER A 193 -16.78 -5.93 11.33
N TRP A 194 -17.36 -5.75 12.51
CA TRP A 194 -18.61 -5.01 12.61
C TRP A 194 -18.43 -3.55 12.22
N GLU A 195 -17.37 -2.90 12.72
CA GLU A 195 -17.11 -1.51 12.40
C GLU A 195 -17.02 -1.29 10.88
N MET A 196 -16.50 -2.27 10.15
CA MET A 196 -16.38 -2.17 8.71
C MET A 196 -17.73 -2.33 8.00
N HIS A 197 -18.55 -3.28 8.45
CA HIS A 197 -19.86 -3.50 7.84
C HIS A 197 -20.81 -2.34 8.11
N LEU A 198 -20.71 -1.75 9.29
CA LEU A 198 -21.55 -0.61 9.62
C LEU A 198 -21.13 0.66 8.90
N GLY A 199 -19.88 0.75 8.47
CA GLY A 199 -19.39 2.01 7.92
C GLY A 199 -19.24 3.10 8.94
N LEU A 200 -18.74 2.77 10.15
CA LEU A 200 -18.50 3.80 11.15
C LEU A 200 -17.56 4.89 10.65
N ALA A 201 -16.58 4.54 9.81
CA ALA A 201 -15.58 5.49 9.31
C ALA A 201 -14.83 6.14 10.48
N TRP A 202 -14.25 5.29 11.32
CA TRP A 202 -13.46 5.73 12.47
C TRP A 202 -11.96 5.55 12.26
N SER A 203 -11.55 5.08 11.08
CA SER A 203 -10.14 4.87 10.81
C SER A 203 -9.43 6.22 10.79
N PHE A 204 -8.14 6.22 11.11
CA PHE A 204 -7.42 7.49 11.25
C PHE A 204 -5.97 7.32 10.84
N VAL A 205 -5.29 8.46 10.71
CA VAL A 205 -3.90 8.54 10.28
C VAL A 205 -3.06 9.13 11.41
N THR A 206 -1.92 8.50 11.70
CA THR A 206 -1.09 8.82 12.85
C THR A 206 0.31 9.21 12.38
N TYR A 207 0.85 10.30 12.92
CA TYR A 207 2.26 10.65 12.74
C TYR A 207 3.06 10.10 13.93
N TYR A 208 4.09 9.31 13.61
CA TYR A 208 4.97 8.72 14.62
C TYR A 208 6.40 9.22 14.43
N SER A 209 7.03 9.61 15.53
CA SER A 209 8.44 9.95 15.61
C SER A 209 8.93 9.57 17.00
N PRO A 210 10.25 9.49 17.21
CA PRO A 210 10.74 9.19 18.56
C PRO A 210 10.28 10.19 19.62
N ASN A 211 10.02 11.44 19.23
CA ASN A 211 9.73 12.50 20.19
C ASN A 211 8.25 12.81 20.33
N ASP A 212 7.40 12.32 19.44
CA ASP A 212 6.01 12.75 19.42
C ASP A 212 5.18 11.84 18.53
N VAL A 213 4.04 11.39 19.04
CA VAL A 213 3.13 10.51 18.31
C VAL A 213 1.76 11.11 18.46
N ARG A 214 1.08 11.39 17.34
CA ARG A 214 -0.25 11.98 17.44
C ARG A 214 -1.05 11.72 16.17
N VAL A 215 -2.37 11.83 16.32
CA VAL A 215 -3.30 11.70 15.22
C VAL A 215 -3.25 12.97 14.39
N VAL A 216 -3.15 12.82 13.07
CA VAL A 216 -3.07 13.97 12.18
C VAL A 216 -4.27 14.11 11.26
N ALA A 217 -5.12 13.09 11.18
CA ALA A 217 -6.35 13.11 10.40
C ALA A 217 -7.20 11.94 10.83
N GLU A 218 -8.52 12.09 10.74
CA GLU A 218 -9.39 11.03 11.22
C GLU A 218 -10.71 11.07 10.47
N GLY A 219 -11.54 10.06 10.75
CA GLY A 219 -12.84 9.98 10.12
C GLY A 219 -12.88 9.25 8.80
N PHE A 220 -11.97 8.31 8.56
CA PHE A 220 -11.85 7.66 7.26
C PHE A 220 -12.64 6.36 7.20
N ASP A 221 -13.29 6.12 6.06
CA ASP A 221 -13.87 4.81 5.74
C ASP A 221 -12.77 3.91 5.17
N SER A 222 -11.92 3.42 6.08
CA SER A 222 -10.81 2.50 5.82
C SER A 222 -9.62 3.16 5.10
N ALA A 223 -8.81 3.91 5.83
CA ALA A 223 -7.59 4.48 5.26
C ALA A 223 -6.58 3.37 4.96
N ASN A 224 -6.04 3.38 3.75
CA ASN A 224 -5.18 2.30 3.27
C ASN A 224 -3.83 2.85 2.81
N GLY A 225 -3.68 3.07 1.50
CA GLY A 225 -2.43 3.60 1.00
C GLY A 225 -2.16 5.01 1.52
N ILE A 226 -0.87 5.33 1.60
CA ILE A 226 -0.45 6.66 2.01
C ILE A 226 0.92 6.91 1.38
N ASN A 227 1.15 8.15 0.96
CA ASN A 227 2.41 8.47 0.33
C ASN A 227 2.58 9.99 0.38
N ILE A 228 3.65 10.47 -0.25
CA ILE A 228 4.12 11.85 -0.08
C ILE A 228 4.69 12.31 -1.41
N SER A 229 4.53 13.61 -1.69
CA SER A 229 5.13 14.22 -2.88
C SER A 229 6.65 14.25 -2.75
N PRO A 230 7.38 14.25 -3.87
CA PRO A 230 8.85 14.23 -3.77
C PRO A 230 9.43 15.44 -3.04
N ASP A 231 8.73 16.57 -3.00
CA ASP A 231 9.24 17.71 -2.26
C ASP A 231 8.76 17.73 -0.81
N GLY A 232 8.04 16.69 -0.37
CA GLY A 232 7.60 16.58 1.01
C GLY A 232 6.46 17.49 1.41
N LYS A 233 5.90 18.27 0.48
CA LYS A 233 4.89 19.25 0.83
C LYS A 233 3.48 18.66 0.89
N TYR A 234 3.25 17.49 0.32
CA TYR A 234 1.90 16.96 0.29
C TYR A 234 1.89 15.49 0.67
N VAL A 235 0.82 15.08 1.35
CA VAL A 235 0.61 13.70 1.75
C VAL A 235 -0.69 13.24 1.11
N TYR A 236 -0.68 12.03 0.57
CA TYR A 236 -1.82 11.45 -0.11
C TYR A 236 -2.31 10.25 0.68
N ILE A 237 -3.62 10.18 0.89
CA ILE A 237 -4.22 9.11 1.68
C ILE A 237 -5.35 8.49 0.88
N ALA A 238 -5.34 7.17 0.77
CA ALA A 238 -6.39 6.43 0.10
C ALA A 238 -7.47 6.05 1.09
N GLU A 239 -8.70 6.49 0.85
CA GLU A 239 -9.86 6.07 1.63
C GLU A 239 -10.59 4.98 0.82
N LEU A 240 -10.29 3.71 1.14
CA LEU A 240 -10.63 2.60 0.28
C LEU A 240 -12.13 2.48 0.04
N LEU A 241 -12.93 2.47 1.11
CA LEU A 241 -14.35 2.21 0.95
C LEU A 241 -15.15 3.46 0.60
N ALA A 242 -14.58 4.65 0.76
CA ALA A 242 -15.18 5.85 0.19
C ALA A 242 -14.75 6.08 -1.25
N HIS A 243 -13.84 5.25 -1.78
CA HIS A 243 -13.31 5.41 -3.13
C HIS A 243 -12.73 6.81 -3.36
N LYS A 244 -11.93 7.30 -2.41
CA LYS A 244 -11.35 8.63 -2.51
C LYS A 244 -9.86 8.65 -2.18
N ILE A 245 -9.18 9.64 -2.75
CA ILE A 245 -7.80 9.95 -2.42
C ILE A 245 -7.77 11.37 -1.88
N HIS A 246 -7.27 11.52 -0.66
CA HIS A 246 -7.17 12.82 -0.02
C HIS A 246 -5.75 13.36 -0.20
N VAL A 247 -5.66 14.65 -0.51
CA VAL A 247 -4.40 15.38 -0.54
C VAL A 247 -4.40 16.31 0.66
N TYR A 248 -3.30 16.30 1.42
CA TYR A 248 -3.12 17.17 2.57
C TYR A 248 -1.88 18.01 2.38
N GLU A 249 -1.92 19.24 2.86
CA GLU A 249 -0.70 20.03 3.01
C GLU A 249 0.06 19.55 4.22
N LYS A 250 1.35 19.27 4.06
CA LYS A 250 2.21 18.82 5.15
C LYS A 250 3.08 19.97 5.61
N HIS A 251 2.82 20.48 6.81
CA HIS A 251 3.60 21.60 7.33
C HIS A 251 4.90 21.12 7.96
N ALA A 252 5.79 22.08 8.26
CA ALA A 252 7.12 21.73 8.74
C ALA A 252 7.08 21.08 10.12
N ASN A 253 6.03 21.37 10.91
CA ASN A 253 5.84 20.76 12.22
C ASN A 253 5.16 19.38 12.14
N TRP A 254 5.05 18.82 10.93
CA TRP A 254 4.46 17.52 10.60
C TRP A 254 2.95 17.47 10.71
N THR A 255 2.30 18.61 10.91
CA THR A 255 0.85 18.68 10.84
C THR A 255 0.37 18.54 9.38
N LEU A 256 -0.84 18.02 9.22
CA LEU A 256 -1.50 17.88 7.93
C LEU A 256 -2.78 18.72 7.92
N THR A 257 -3.01 19.48 6.84
CA THR A 257 -4.28 20.19 6.69
C THR A 257 -4.92 19.83 5.35
N PRO A 258 -6.25 19.61 5.33
CA PRO A 258 -6.91 19.14 4.11
C PRO A 258 -6.77 20.15 2.99
N LEU A 259 -6.66 19.63 1.77
CA LEU A 259 -6.48 20.49 0.60
C LEU A 259 -7.43 20.09 -0.53
N ARG A 260 -7.44 18.81 -0.92
CA ARG A 260 -8.31 18.32 -2.00
C ARG A 260 -8.80 16.91 -1.68
N VAL A 261 -9.95 16.56 -2.24
CA VAL A 261 -10.43 15.19 -2.21
C VAL A 261 -10.80 14.81 -3.63
N LEU A 262 -10.14 13.77 -4.15
CA LEU A 262 -10.48 13.21 -5.44
C LEU A 262 -11.36 11.99 -5.23
N SER A 263 -12.39 11.84 -6.06
CA SER A 263 -13.31 10.71 -5.99
C SER A 263 -13.18 9.82 -7.22
N PHE A 264 -13.46 8.54 -7.03
CA PHE A 264 -13.24 7.54 -8.08
C PHE A 264 -14.39 6.55 -8.04
N ASP A 265 -14.43 5.69 -9.06
CA ASP A 265 -15.43 4.64 -9.13
C ASP A 265 -14.89 3.30 -8.70
N THR A 266 -13.74 3.29 -8.01
CA THR A 266 -13.05 2.04 -7.70
C THR A 266 -12.46 2.13 -6.29
N LEU A 267 -12.14 0.98 -5.73
CA LEU A 267 -11.62 0.92 -4.36
C LEU A 267 -10.12 1.12 -4.40
N VAL A 268 -9.68 2.37 -4.23
CA VAL A 268 -8.28 2.72 -4.29
C VAL A 268 -7.56 2.12 -3.07
N ASP A 269 -6.43 1.45 -3.30
CA ASP A 269 -5.74 0.75 -2.23
C ASP A 269 -4.41 1.41 -1.98
N ASN A 270 -3.29 0.87 -2.46
CA ASN A 270 -1.98 1.46 -2.16
C ASN A 270 -1.55 2.47 -3.21
N ILE A 271 -0.95 3.58 -2.74
CA ILE A 271 -0.49 4.68 -3.57
C ILE A 271 1.03 4.63 -3.72
N SER A 272 1.51 4.71 -4.95
CA SER A 272 2.91 4.91 -5.26
C SER A 272 3.08 6.27 -5.92
N VAL A 273 4.29 6.80 -5.84
CA VAL A 273 4.57 8.13 -6.37
C VAL A 273 5.79 8.04 -7.27
N ASP A 274 5.61 8.42 -8.52
CA ASP A 274 6.76 8.52 -9.44
C ASP A 274 7.59 9.74 -9.03
N PRO A 275 8.83 9.55 -8.59
CA PRO A 275 9.60 10.70 -8.10
C PRO A 275 9.85 11.76 -9.17
N VAL A 276 9.92 11.38 -10.45
CA VAL A 276 10.27 12.34 -11.48
C VAL A 276 9.14 13.33 -11.70
N THR A 277 7.91 12.85 -11.78
CA THR A 277 6.76 13.70 -12.10
C THR A 277 5.91 14.05 -10.89
N GLY A 278 6.00 13.30 -9.79
CA GLY A 278 5.02 13.41 -8.73
C GLY A 278 3.69 12.70 -8.99
N ASP A 279 3.51 12.08 -10.16
CA ASP A 279 2.29 11.34 -10.45
C ASP A 279 2.04 10.26 -9.40
N LEU A 280 0.76 10.03 -9.12
CA LEU A 280 0.33 8.92 -8.30
C LEU A 280 0.04 7.73 -9.19
N TRP A 281 0.52 6.56 -8.78
CA TRP A 281 0.15 5.29 -9.40
C TRP A 281 -0.54 4.44 -8.35
N VAL A 282 -1.76 3.97 -8.66
CA VAL A 282 -2.65 3.43 -7.65
C VAL A 282 -3.17 2.06 -8.07
N GLY A 283 -3.02 1.08 -7.17
CA GLY A 283 -3.67 -0.20 -7.32
C GLY A 283 -5.06 -0.16 -6.70
N CYS A 284 -6.02 -0.73 -7.42
CA CYS A 284 -7.44 -0.59 -7.07
C CYS A 284 -8.14 -1.92 -7.20
N HIS A 285 -9.18 -2.09 -6.41
CA HIS A 285 -10.07 -3.23 -6.52
C HIS A 285 -11.37 -2.75 -7.13
N PRO A 286 -11.68 -3.16 -8.36
CA PRO A 286 -12.94 -2.70 -8.99
C PRO A 286 -14.18 -3.09 -8.22
N ASN A 287 -14.18 -4.28 -7.61
CA ASN A 287 -15.35 -4.81 -6.93
C ASN A 287 -14.96 -5.26 -5.52
N GLY A 288 -15.60 -4.68 -4.52
CA GLY A 288 -15.21 -4.95 -3.14
C GLY A 288 -15.65 -6.31 -2.65
N MET A 289 -16.82 -6.78 -3.14
CA MET A 289 -17.30 -8.10 -2.76
C MET A 289 -16.33 -9.18 -3.18
N ARG A 290 -15.79 -9.09 -4.39
CA ARG A 290 -14.90 -10.12 -4.89
C ARG A 290 -13.52 -10.09 -4.24
N ILE A 291 -13.11 -8.94 -3.69
CA ILE A 291 -11.83 -8.91 -2.98
C ILE A 291 -12.03 -9.27 -1.50
N PHE A 292 -13.15 -8.88 -0.89
CA PHE A 292 -13.35 -9.11 0.54
C PHE A 292 -14.02 -10.43 0.86
N PHE A 293 -14.73 -11.05 -0.09
CA PHE A 293 -15.45 -12.30 0.14
C PHE A 293 -15.05 -13.28 -0.94
N TYR A 294 -13.87 -13.84 -0.81
CA TYR A 294 -13.22 -14.57 -1.88
C TYR A 294 -14.04 -15.77 -2.32
N ASP A 295 -13.90 -16.11 -3.60
CA ASP A 295 -14.62 -17.21 -4.24
C ASP A 295 -13.79 -17.59 -5.45
N ALA A 296 -13.12 -18.75 -5.36
CA ALA A 296 -12.20 -19.18 -6.42
C ALA A 296 -12.87 -19.21 -7.79
N GLU A 297 -14.17 -19.49 -7.84
CA GLU A 297 -14.91 -19.52 -9.10
C GLU A 297 -15.27 -18.13 -9.61
N ASN A 298 -14.97 -17.08 -8.85
CA ASN A 298 -15.29 -15.72 -9.25
C ASN A 298 -14.24 -14.75 -8.68
N PRO A 299 -12.98 -14.90 -9.08
CA PRO A 299 -11.88 -14.16 -8.43
C PRO A 299 -11.95 -12.67 -8.68
N PRO A 300 -11.36 -11.86 -7.78
CA PRO A 300 -11.31 -10.41 -8.02
C PRO A 300 -10.34 -10.09 -9.15
N GLY A 301 -10.66 -9.03 -9.88
CA GLY A 301 -9.80 -8.50 -10.91
C GLY A 301 -8.75 -7.53 -10.40
N SER A 302 -8.28 -6.69 -11.31
CA SER A 302 -7.18 -5.77 -11.08
C SER A 302 -7.44 -4.49 -11.87
N GLU A 303 -6.91 -3.37 -11.37
CA GLU A 303 -7.11 -2.07 -12.01
C GLU A 303 -6.05 -1.11 -11.49
N VAL A 304 -5.39 -0.39 -12.40
CA VAL A 304 -4.31 0.52 -12.08
C VAL A 304 -4.64 1.91 -12.62
N LEU A 305 -4.60 2.91 -11.75
CA LEU A 305 -4.81 4.30 -12.12
C LEU A 305 -3.51 5.08 -12.07
N ARG A 306 -3.33 5.94 -13.07
CA ARG A 306 -2.36 7.01 -13.04
C ARG A 306 -3.10 8.32 -12.79
N ILE A 307 -2.60 9.12 -11.86
CA ILE A 307 -3.17 10.44 -11.58
C ILE A 307 -2.08 11.48 -11.80
N GLN A 308 -2.36 12.44 -12.69
CA GLN A 308 -1.45 13.54 -12.98
C GLN A 308 -2.04 14.87 -12.53
N ASP A 309 -1.16 15.78 -12.14
CA ASP A 309 -1.51 17.13 -11.73
C ASP A 309 -2.62 17.13 -10.70
N ILE A 310 -2.34 16.48 -9.56
CA ILE A 310 -3.36 16.25 -8.55
C ILE A 310 -3.85 17.56 -7.93
N LEU A 311 -3.07 18.64 -7.99
CA LEU A 311 -3.51 19.91 -7.40
C LEU A 311 -4.38 20.77 -8.32
N SER A 312 -4.51 20.42 -9.61
CA SER A 312 -5.17 21.26 -10.61
C SER A 312 -6.69 21.10 -10.56
N GLU A 313 -7.38 21.93 -11.35
CA GLU A 313 -8.85 21.91 -11.34
C GLU A 313 -9.39 20.58 -11.85
N GLU A 314 -8.81 20.04 -12.93
CA GLU A 314 -9.19 18.72 -13.43
C GLU A 314 -7.95 17.83 -13.45
N PRO A 315 -7.72 17.06 -12.40
CA PRO A 315 -6.62 16.08 -12.44
C PRO A 315 -6.86 15.06 -13.54
N LYS A 316 -5.79 14.64 -14.20
CA LYS A 316 -5.90 13.67 -15.27
C LYS A 316 -5.76 12.26 -14.69
N VAL A 317 -6.83 11.48 -14.80
CA VAL A 317 -6.90 10.12 -14.29
C VAL A 317 -6.99 9.18 -15.48
N THR A 318 -6.07 8.23 -15.56
CA THR A 318 -6.00 7.28 -16.66
C THR A 318 -6.01 5.87 -16.08
N VAL A 319 -6.88 5.01 -16.62
CA VAL A 319 -6.78 3.58 -16.33
C VAL A 319 -5.66 3.03 -17.23
N VAL A 320 -4.54 2.64 -16.61
CA VAL A 320 -3.41 2.16 -17.40
C VAL A 320 -3.48 0.64 -17.64
N TYR A 321 -4.15 -0.09 -16.76
CA TYR A 321 -4.26 -1.54 -16.84
C TYR A 321 -5.49 -1.96 -16.06
N ALA A 322 -6.24 -2.93 -16.59
CA ALA A 322 -7.41 -3.45 -15.91
C ALA A 322 -7.82 -4.77 -16.56
N GLU A 323 -8.24 -5.71 -15.74
CA GLU A 323 -8.60 -7.05 -16.21
C GLU A 323 -9.50 -7.68 -15.18
N ASN A 324 -10.17 -8.76 -15.56
CA ASN A 324 -11.13 -9.40 -14.69
C ASN A 324 -10.51 -10.46 -13.79
N GLY A 325 -9.19 -10.57 -13.76
CA GLY A 325 -8.57 -11.51 -12.87
C GLY A 325 -8.16 -12.81 -13.51
N THR A 326 -8.44 -12.99 -14.80
CA THR A 326 -7.96 -14.19 -15.48
C THR A 326 -6.45 -14.31 -15.36
N VAL A 327 -5.72 -13.20 -15.33
CA VAL A 327 -4.27 -13.28 -15.19
C VAL A 327 -3.86 -12.91 -13.78
N LEU A 328 -4.27 -11.73 -13.32
CA LEU A 328 -3.81 -11.15 -12.06
C LEU A 328 -5.02 -10.83 -11.17
N GLN A 329 -5.06 -11.42 -9.98
CA GLN A 329 -6.22 -11.24 -9.11
C GLN A 329 -5.89 -10.33 -7.95
N GLY A 330 -6.70 -9.28 -7.77
CA GLY A 330 -6.70 -8.49 -6.56
C GLY A 330 -5.55 -7.50 -6.46
N SER A 331 -5.35 -6.70 -7.50
CA SER A 331 -4.24 -5.76 -7.52
C SER A 331 -4.38 -4.77 -6.38
N THR A 332 -3.27 -4.57 -5.66
CA THR A 332 -3.21 -3.60 -4.56
C THR A 332 -2.31 -2.41 -4.81
N VAL A 333 -1.32 -2.53 -5.70
CA VAL A 333 -0.24 -1.56 -5.78
C VAL A 333 0.38 -1.64 -7.17
N ALA A 334 0.89 -0.52 -7.65
CA ALA A 334 1.54 -0.49 -8.95
C ALA A 334 2.51 0.67 -8.97
N ALA A 335 3.67 0.48 -9.59
CA ALA A 335 4.67 1.52 -9.68
C ALA A 335 5.46 1.32 -10.96
N VAL A 336 6.07 2.42 -11.43
CA VAL A 336 6.72 2.42 -12.74
C VAL A 336 8.20 2.70 -12.56
N TYR A 337 9.02 1.99 -13.33
CA TYR A 337 10.45 2.22 -13.41
C TYR A 337 10.88 2.11 -14.86
N LYS A 338 11.40 3.20 -15.42
CA LYS A 338 12.02 3.19 -16.75
C LYS A 338 11.20 2.41 -17.78
N GLY A 339 9.93 2.80 -17.93
CA GLY A 339 9.05 2.23 -18.93
C GLY A 339 8.32 0.96 -18.53
N LYS A 340 8.59 0.40 -17.36
CA LYS A 340 7.95 -0.83 -16.93
C LYS A 340 7.01 -0.57 -15.77
N LEU A 341 5.99 -1.42 -15.65
CA LEU A 341 4.99 -1.31 -14.62
C LEU A 341 4.96 -2.59 -13.81
N LEU A 342 5.09 -2.47 -12.49
CA LEU A 342 5.11 -3.62 -11.60
C LEU A 342 3.87 -3.54 -10.73
N ILE A 343 3.07 -4.60 -10.74
CA ILE A 343 1.76 -4.61 -10.10
C ILE A 343 1.72 -5.74 -9.09
N GLY A 344 1.30 -5.42 -7.86
CA GLY A 344 1.20 -6.40 -6.79
C GLY A 344 -0.24 -6.68 -6.40
N THR A 345 -0.43 -7.75 -5.63
CA THR A 345 -1.75 -8.20 -5.21
C THR A 345 -1.73 -8.58 -3.75
N VAL A 346 -2.92 -8.61 -3.14
CA VAL A 346 -2.98 -8.94 -1.70
C VAL A 346 -2.51 -10.38 -1.46
N PHE A 347 -2.99 -11.35 -2.25
CA PHE A 347 -2.67 -12.76 -1.97
C PHE A 347 -2.29 -13.59 -3.20
N HIS A 348 -2.21 -13.02 -4.39
CA HIS A 348 -2.11 -13.79 -5.62
C HIS A 348 -0.71 -13.58 -6.21
N LYS A 349 -0.57 -13.17 -7.46
CA LYS A 349 0.72 -13.12 -8.12
C LYS A 349 1.21 -11.67 -8.22
N ALA A 350 2.11 -11.42 -9.16
CA ALA A 350 2.55 -10.08 -9.48
C ALA A 350 2.80 -10.03 -10.98
N LEU A 351 2.56 -8.86 -11.56
CA LEU A 351 2.64 -8.68 -13.01
C LEU A 351 3.65 -7.60 -13.33
N TYR A 352 4.47 -7.85 -14.35
CA TYR A 352 5.51 -6.94 -14.82
C TYR A 352 5.27 -6.68 -16.29
N CYS A 353 5.05 -5.41 -16.65
CA CYS A 353 4.55 -5.05 -17.98
C CYS A 353 5.39 -3.93 -18.59
N ASP A 354 5.49 -3.93 -19.91
CA ASP A 354 5.84 -2.71 -20.63
C ASP A 354 4.66 -1.74 -20.58
N LEU A 355 4.96 -0.47 -20.36
CA LEU A 355 3.94 0.58 -20.43
C LEU A 355 3.46 0.77 -21.86
CA CA B . 3.58 1.67 1.21
CA CA C . -4.26 -3.46 1.60
#